data_1I7A
#
_entry.id   1I7A
#
_cell.length_a   64.716
_cell.length_b   50.014
_cell.length_c   73.098
_cell.angle_alpha   90.00
_cell.angle_beta   101.19
_cell.angle_gamma   90.00
#
_symmetry.space_group_name_H-M   'P 1 21 1'
#
loop_
_entity.id
_entity.type
_entity.pdbx_description
1 polymer 'HOMER 2B'
2 polymer PHE-ALA-PHE
3 non-polymer 'CITRATE ANION'
4 non-polymer PHENYLALANINE
5 water water
#
loop_
_entity_poly.entity_id
_entity_poly.type
_entity_poly.pdbx_seq_one_letter_code
_entity_poly.pdbx_strand_id
1 'polypeptide(L)'
;MGEQPIFTTRAHVFQIDPSTKKNWVPASKQAVTVSYFYDVTRNSYRIISVDGAKVIINSTITPNMTFTKTSQKFGQWADS
RANTVFGLGFSSELQLTKFAEKFQEVREAAR
;
A,B,C,D
2 'polypeptide(L)' FAF E
#
loop_
_chem_comp.id
_chem_comp.type
_chem_comp.name
_chem_comp.formula
FLC non-polymer 'CITRATE ANION' 'C6 H5 O7 -3'
#
# COMPACT_ATOMS: atom_id res chain seq x y z
N GLU A 3 -34.88 -6.95 -9.26
CA GLU A 3 -34.86 -5.95 -10.38
C GLU A 3 -33.44 -5.46 -10.68
N GLN A 4 -32.59 -5.47 -9.67
CA GLN A 4 -31.20 -5.03 -9.83
C GLN A 4 -30.30 -6.25 -9.83
N PRO A 5 -29.12 -6.15 -10.44
CA PRO A 5 -28.22 -7.30 -10.47
C PRO A 5 -27.73 -7.61 -9.05
N ILE A 6 -27.20 -8.81 -8.87
CA ILE A 6 -26.68 -9.21 -7.56
C ILE A 6 -25.77 -8.08 -7.10
N PHE A 7 -24.91 -7.64 -8.02
CA PHE A 7 -23.95 -6.58 -7.74
C PHE A 7 -23.59 -5.87 -9.05
N THR A 8 -23.37 -4.57 -8.98
CA THR A 8 -23.02 -3.80 -10.17
C THR A 8 -22.05 -2.68 -9.84
N THR A 9 -21.09 -2.45 -10.73
CA THR A 9 -20.10 -1.42 -10.50
C THR A 9 -19.58 -0.89 -11.82
N ARG A 10 -18.63 0.03 -11.74
CA ARG A 10 -18.02 0.60 -12.92
C ARG A 10 -16.51 0.63 -12.82
N ALA A 11 -15.84 0.25 -13.90
CA ALA A 11 -14.40 0.20 -13.90
C ALA A 11 -13.84 0.11 -15.32
N HIS A 12 -12.52 0.15 -15.40
CA HIS A 12 -11.82 0.01 -16.66
C HIS A 12 -11.46 -1.48 -16.79
N VAL A 13 -11.66 -1.99 -18.00
CA VAL A 13 -11.41 -3.39 -18.28
C VAL A 13 -10.16 -3.63 -19.12
N PHE A 14 -9.34 -4.58 -18.69
CA PHE A 14 -8.13 -4.94 -19.40
C PHE A 14 -8.10 -6.45 -19.59
N GLN A 15 -7.34 -6.92 -20.60
CA GLN A 15 -7.24 -8.35 -20.86
C GLN A 15 -5.82 -8.69 -21.13
N ILE A 16 -5.51 -9.98 -21.02
CA ILE A 16 -4.17 -10.48 -21.29
C ILE A 16 -4.22 -11.21 -22.64
N ASN A 23 1.14 -9.01 -22.11
CA ASN A 23 0.95 -7.87 -21.22
C ASN A 23 -0.50 -7.39 -21.36
N TRP A 24 -0.94 -6.57 -20.41
CA TRP A 24 -2.30 -6.05 -20.43
C TRP A 24 -2.61 -5.21 -21.64
N VAL A 25 -3.86 -5.24 -22.04
CA VAL A 25 -4.33 -4.46 -23.17
C VAL A 25 -5.68 -3.91 -22.73
N PRO A 26 -5.99 -2.66 -23.08
CA PRO A 26 -7.29 -2.15 -22.64
C PRO A 26 -8.42 -2.83 -23.42
N ALA A 27 -9.50 -3.19 -22.73
CA ALA A 27 -10.62 -3.84 -23.38
C ALA A 27 -11.79 -2.89 -23.53
N SER A 28 -11.75 -1.78 -22.79
CA SER A 28 -12.82 -0.78 -22.84
C SER A 28 -12.22 0.63 -23.04
N LYS A 29 -12.73 1.33 -24.04
CA LYS A 29 -12.27 2.67 -24.36
C LYS A 29 -12.49 3.61 -23.18
N GLN A 30 -13.27 3.16 -22.21
CA GLN A 30 -13.58 3.95 -21.02
C GLN A 30 -14.12 3.08 -19.88
N ALA A 31 -14.41 3.70 -18.74
CA ALA A 31 -14.97 2.97 -17.61
C ALA A 31 -16.37 2.50 -17.99
N VAL A 32 -16.65 1.22 -17.76
CA VAL A 32 -17.95 0.65 -18.10
C VAL A 32 -18.58 -0.03 -16.90
N THR A 33 -19.81 -0.47 -17.09
CA THR A 33 -20.54 -1.16 -16.04
C THR A 33 -20.13 -2.62 -16.06
N VAL A 34 -19.92 -3.20 -14.88
CA VAL A 34 -19.57 -4.61 -14.73
C VAL A 34 -20.53 -5.16 -13.64
N SER A 35 -21.22 -6.26 -13.96
CA SER A 35 -22.21 -6.85 -13.05
C SER A 35 -22.19 -8.37 -12.91
N TYR A 36 -22.73 -8.83 -11.78
CA TYR A 36 -22.84 -10.26 -11.50
C TYR A 36 -24.28 -10.70 -11.77
N PHE A 37 -24.45 -11.76 -12.55
CA PHE A 37 -25.79 -12.27 -12.84
C PHE A 37 -25.86 -13.75 -12.53
N TYR A 38 -27.05 -14.22 -12.19
CA TYR A 38 -27.23 -15.62 -11.90
C TYR A 38 -27.73 -16.29 -13.19
N ASP A 39 -26.88 -17.14 -13.77
CA ASP A 39 -27.20 -17.87 -14.98
C ASP A 39 -28.11 -19.03 -14.61
N VAL A 40 -29.41 -18.82 -14.80
CA VAL A 40 -30.44 -19.81 -14.47
C VAL A 40 -30.22 -21.19 -15.08
N THR A 41 -30.21 -21.24 -16.41
CA THR A 41 -30.06 -22.51 -17.11
C THR A 41 -28.76 -23.24 -16.76
N ARG A 42 -27.67 -22.50 -16.57
CA ARG A 42 -26.38 -23.12 -16.25
C ARG A 42 -26.14 -23.40 -14.77
N ASN A 43 -26.97 -22.85 -13.89
CA ASN A 43 -26.83 -23.07 -12.46
C ASN A 43 -25.48 -22.57 -11.94
N SER A 44 -25.14 -21.34 -12.33
CA SER A 44 -23.89 -20.73 -11.91
C SER A 44 -23.99 -19.23 -12.07
N TYR A 45 -22.99 -18.52 -11.55
CA TYR A 45 -22.96 -17.08 -11.66
C TYR A 45 -22.01 -16.64 -12.77
N ARG A 46 -22.35 -15.53 -13.41
CA ARG A 46 -21.52 -15.03 -14.49
C ARG A 46 -21.33 -13.54 -14.36
N ILE A 47 -20.10 -13.08 -14.61
CA ILE A 47 -19.79 -11.67 -14.57
C ILE A 47 -19.93 -11.17 -16.03
N ILE A 48 -20.81 -10.20 -16.24
CA ILE A 48 -21.01 -9.69 -17.60
C ILE A 48 -20.81 -8.19 -17.71
N SER A 49 -20.07 -7.77 -18.73
CA SER A 49 -19.80 -6.35 -18.98
C SER A 49 -19.85 -6.08 -20.47
N VAL A 50 -20.66 -5.12 -20.90
CA VAL A 50 -20.75 -4.80 -22.33
C VAL A 50 -20.34 -3.36 -22.59
N ASP A 51 -19.88 -3.10 -23.81
CA ASP A 51 -19.45 -1.77 -24.21
C ASP A 51 -19.80 -1.62 -25.68
N GLY A 52 -20.91 -0.95 -25.95
CA GLY A 52 -21.33 -0.78 -27.33
C GLY A 52 -21.94 -2.07 -27.85
N ALA A 53 -21.42 -2.55 -28.97
CA ALA A 53 -21.90 -3.78 -29.60
C ALA A 53 -21.10 -4.98 -29.13
N LYS A 54 -20.15 -4.74 -28.23
CA LYS A 54 -19.33 -5.83 -27.75
C LYS A 54 -19.53 -6.21 -26.30
N VAL A 55 -19.45 -7.51 -26.02
CA VAL A 55 -19.54 -8.00 -24.64
C VAL A 55 -18.08 -8.32 -24.40
N ILE A 56 -17.47 -7.56 -23.50
CA ILE A 56 -16.05 -7.70 -23.19
C ILE A 56 -15.73 -8.64 -22.06
N ILE A 57 -16.74 -8.94 -21.24
CA ILE A 57 -16.57 -9.89 -20.15
C ILE A 57 -17.82 -10.76 -20.11
N ASN A 58 -17.63 -12.07 -20.13
CA ASN A 58 -18.74 -13.02 -20.08
C ASN A 58 -18.13 -14.19 -19.33
N SER A 59 -17.80 -13.95 -18.06
CA SER A 59 -17.11 -14.91 -17.24
C SER A 59 -17.91 -15.66 -16.17
N THR A 60 -17.91 -16.98 -16.25
CA THR A 60 -18.61 -17.82 -15.29
C THR A 60 -17.69 -18.01 -14.10
N ILE A 61 -18.19 -17.78 -12.89
CA ILE A 61 -17.34 -17.93 -11.73
C ILE A 61 -17.39 -19.34 -11.13
N THR A 62 -16.25 -20.03 -11.14
CA THR A 62 -16.21 -21.36 -10.57
C THR A 62 -15.42 -21.37 -9.27
N PRO A 63 -15.57 -22.42 -8.46
CA PRO A 63 -14.88 -22.56 -7.18
C PRO A 63 -13.36 -22.46 -7.21
N ASN A 64 -12.72 -23.10 -8.20
CA ASN A 64 -11.27 -23.08 -8.31
C ASN A 64 -10.73 -21.80 -8.93
N MET A 65 -11.59 -20.81 -9.13
CA MET A 65 -11.16 -19.54 -9.70
C MET A 65 -10.83 -18.61 -8.56
N THR A 66 -9.93 -17.66 -8.80
CA THR A 66 -9.55 -16.73 -7.74
C THR A 66 -9.38 -15.29 -8.22
N PHE A 67 -9.83 -14.35 -7.40
CA PHE A 67 -9.69 -12.94 -7.71
C PHE A 67 -8.56 -12.41 -6.83
N THR A 68 -7.56 -11.83 -7.46
CA THR A 68 -6.42 -11.27 -6.75
C THR A 68 -6.33 -9.74 -6.88
N LYS A 69 -6.18 -9.08 -5.74
CA LYS A 69 -6.01 -7.63 -5.72
C LYS A 69 -4.51 -7.40 -5.86
N THR A 70 -4.06 -6.97 -7.04
CA THR A 70 -2.64 -6.71 -7.23
C THR A 70 -2.36 -5.25 -6.85
N SER A 71 -3.34 -4.63 -6.22
CA SER A 71 -3.26 -3.25 -5.79
C SER A 71 -4.56 -2.97 -5.08
N GLN A 72 -4.72 -1.80 -4.46
CA GLN A 72 -5.96 -1.52 -3.78
C GLN A 72 -6.98 -0.82 -4.67
N LYS A 73 -6.70 -0.77 -5.96
CA LYS A 73 -7.62 -0.18 -6.93
C LYS A 73 -7.62 -1.00 -8.22
N PHE A 74 -6.91 -2.13 -8.20
CA PHE A 74 -6.84 -2.99 -9.36
C PHE A 74 -6.89 -4.46 -8.90
N GLY A 75 -7.62 -5.28 -9.65
CA GLY A 75 -7.73 -6.69 -9.32
C GLY A 75 -7.86 -7.52 -10.58
N GLN A 76 -7.64 -8.84 -10.46
CA GLN A 76 -7.69 -9.72 -11.62
C GLN A 76 -8.08 -11.18 -11.31
N TRP A 77 -8.48 -11.89 -12.35
CA TRP A 77 -8.84 -13.29 -12.22
C TRP A 77 -8.65 -13.97 -13.55
N ALA A 78 -8.24 -15.23 -13.51
CA ALA A 78 -8.00 -16.01 -14.72
C ALA A 78 -9.26 -16.79 -15.14
N ASP A 79 -9.48 -16.87 -16.44
CA ASP A 79 -10.64 -17.57 -16.95
C ASP A 79 -10.18 -18.57 -18.01
N SER A 80 -10.10 -19.84 -17.62
CA SER A 80 -9.67 -20.92 -18.49
C SER A 80 -10.59 -21.12 -19.69
N ARG A 81 -11.90 -21.12 -19.45
CA ARG A 81 -12.85 -21.32 -20.53
C ARG A 81 -12.63 -20.31 -21.65
N ALA A 82 -12.66 -19.02 -21.30
CA ALA A 82 -12.44 -17.96 -22.27
C ALA A 82 -10.97 -17.92 -22.61
N ASN A 83 -10.17 -18.56 -21.78
CA ASN A 83 -8.73 -18.59 -21.98
C ASN A 83 -8.21 -17.17 -22.08
N THR A 84 -8.22 -16.48 -20.95
CA THR A 84 -7.75 -15.11 -20.86
C THR A 84 -7.85 -14.62 -19.43
N VAL A 85 -7.07 -13.60 -19.10
CA VAL A 85 -7.09 -13.01 -17.77
C VAL A 85 -7.77 -11.64 -17.91
N PHE A 86 -8.66 -11.33 -16.98
CA PHE A 86 -9.39 -10.08 -16.96
C PHE A 86 -8.87 -9.23 -15.81
N GLY A 87 -8.73 -7.94 -16.05
CA GLY A 87 -8.28 -7.03 -15.01
C GLY A 87 -9.22 -5.84 -14.95
N LEU A 88 -9.60 -5.44 -13.75
CA LEU A 88 -10.49 -4.31 -13.57
C LEU A 88 -9.79 -3.18 -12.82
N GLY A 89 -9.93 -1.95 -13.33
CA GLY A 89 -9.33 -0.83 -12.64
C GLY A 89 -10.42 0.02 -12.00
N PHE A 90 -10.38 0.20 -10.68
CA PHE A 90 -11.40 0.99 -10.01
C PHE A 90 -10.95 2.41 -9.66
N SER A 91 -11.91 3.30 -9.46
CA SER A 91 -11.59 4.69 -9.12
C SER A 91 -11.48 4.82 -7.60
N SER A 92 -11.80 3.76 -6.88
CA SER A 92 -11.72 3.78 -5.42
C SER A 92 -11.51 2.39 -4.82
N GLU A 93 -10.77 2.36 -3.72
CA GLU A 93 -10.49 1.10 -3.02
C GLU A 93 -11.78 0.43 -2.58
N LEU A 94 -12.75 1.23 -2.15
CA LEU A 94 -14.03 0.69 -1.70
C LEU A 94 -14.72 -0.13 -2.77
N GLN A 95 -14.73 0.35 -4.02
CA GLN A 95 -15.36 -0.40 -5.10
C GLN A 95 -14.65 -1.75 -5.26
N LEU A 96 -13.33 -1.70 -5.40
CA LEU A 96 -12.52 -2.92 -5.53
C LEU A 96 -12.83 -3.88 -4.37
N THR A 97 -12.93 -3.33 -3.16
CA THR A 97 -13.20 -4.13 -1.98
C THR A 97 -14.55 -4.81 -2.02
N LYS A 98 -15.56 -4.09 -2.51
CA LYS A 98 -16.89 -4.66 -2.58
C LYS A 98 -16.98 -5.68 -3.73
N PHE A 99 -16.22 -5.45 -4.79
CA PHE A 99 -16.22 -6.38 -5.93
C PHE A 99 -15.56 -7.71 -5.56
N ALA A 100 -14.42 -7.62 -4.87
CA ALA A 100 -13.69 -8.81 -4.47
C ALA A 100 -14.48 -9.60 -3.46
N GLU A 101 -15.28 -8.90 -2.67
CA GLU A 101 -16.11 -9.52 -1.65
C GLU A 101 -17.17 -10.36 -2.35
N LYS A 102 -17.92 -9.75 -3.26
CA LYS A 102 -18.95 -10.47 -4.00
C LYS A 102 -18.35 -11.65 -4.74
N PHE A 103 -17.14 -11.48 -5.28
CA PHE A 103 -16.50 -12.56 -6.01
C PHE A 103 -16.37 -13.79 -5.08
N GLN A 104 -15.91 -13.57 -3.86
CA GLN A 104 -15.74 -14.66 -2.89
C GLN A 104 -17.07 -15.33 -2.58
N GLU A 105 -18.07 -14.53 -2.21
CA GLU A 105 -19.38 -15.10 -1.90
C GLU A 105 -19.84 -15.94 -3.07
N VAL A 106 -19.93 -15.30 -4.23
CA VAL A 106 -20.37 -16.00 -5.44
C VAL A 106 -19.64 -17.33 -5.62
N ARG A 107 -18.34 -17.33 -5.37
CA ARG A 107 -17.57 -18.56 -5.54
C ARG A 107 -18.00 -19.59 -4.48
N GLU A 108 -18.28 -19.11 -3.26
CA GLU A 108 -18.70 -20.00 -2.19
C GLU A 108 -20.09 -20.58 -2.45
N ALA A 109 -20.91 -19.87 -3.22
CA ALA A 109 -22.26 -20.35 -3.54
C ALA A 109 -22.19 -21.34 -4.69
N ALA A 110 -21.05 -21.41 -5.36
CA ALA A 110 -20.84 -22.32 -6.48
C ALA A 110 -20.33 -23.68 -6.00
N ARG A 111 -19.91 -23.74 -4.74
CA ARG A 111 -19.40 -24.97 -4.14
C ARG A 111 -20.46 -26.07 -4.09
N GLU B 3 23.47 9.76 -27.11
CA GLU B 3 23.22 8.52 -27.91
C GLU B 3 21.90 7.88 -27.50
N GLN B 4 21.69 7.76 -26.20
CA GLN B 4 20.46 7.17 -25.68
C GLN B 4 19.61 8.29 -25.08
N PRO B 5 18.30 8.05 -24.96
CA PRO B 5 17.42 9.06 -24.38
C PRO B 5 17.78 9.27 -22.90
N ILE B 6 17.53 10.47 -22.42
CA ILE B 6 17.78 10.82 -21.04
C ILE B 6 17.27 9.73 -20.13
N PHE B 7 16.08 9.23 -20.46
CA PHE B 7 15.42 8.18 -19.70
C PHE B 7 14.26 7.66 -20.54
N THR B 8 14.15 6.35 -20.63
CA THR B 8 13.09 5.73 -21.40
C THR B 8 12.52 4.56 -20.60
N THR B 9 11.21 4.37 -20.68
CA THR B 9 10.54 3.30 -19.97
C THR B 9 9.32 2.85 -20.76
N ARG B 10 8.58 1.89 -20.21
CA ARG B 10 7.38 1.40 -20.87
C ARG B 10 6.19 1.46 -19.91
N ALA B 11 5.07 1.96 -20.41
CA ALA B 11 3.88 2.07 -19.59
C ALA B 11 2.62 2.19 -20.41
N HIS B 12 1.49 2.06 -19.73
CA HIS B 12 0.20 2.22 -20.36
C HIS B 12 -0.10 3.71 -20.14
N VAL B 13 -0.64 4.38 -21.17
CA VAL B 13 -0.96 5.80 -21.07
C VAL B 13 -2.44 6.12 -21.02
N PHE B 14 -2.78 7.01 -20.10
CA PHE B 14 -4.14 7.45 -19.91
C PHE B 14 -4.13 8.97 -19.80
N GLN B 15 -5.27 9.59 -20.09
CA GLN B 15 -5.40 11.03 -19.99
C GLN B 15 -6.83 11.37 -19.66
N ILE B 16 -7.02 12.56 -19.12
CA ILE B 16 -8.35 13.05 -18.75
C ILE B 16 -8.73 14.26 -19.60
N ASN B 23 -13.05 11.51 -15.86
CA ASN B 23 -12.53 10.17 -15.63
C ASN B 23 -11.48 9.84 -16.70
N TRP B 24 -10.59 8.90 -16.39
CA TRP B 24 -9.53 8.51 -17.31
C TRP B 24 -10.00 7.80 -18.58
N VAL B 25 -9.18 7.91 -19.61
CA VAL B 25 -9.46 7.28 -20.88
C VAL B 25 -8.13 6.74 -21.40
N PRO B 26 -8.12 5.50 -21.93
CA PRO B 26 -6.88 4.94 -22.44
C PRO B 26 -6.39 5.69 -23.68
N ALA B 27 -5.09 5.99 -23.74
CA ALA B 27 -4.53 6.72 -24.87
C ALA B 27 -3.58 5.89 -25.72
N SER B 28 -3.19 4.71 -25.23
CA SER B 28 -2.32 3.84 -26.01
C SER B 28 -3.02 2.49 -26.17
N LYS B 29 -2.82 1.87 -27.31
CA LYS B 29 -3.42 0.58 -27.62
C LYS B 29 -2.93 -0.47 -26.64
N GLN B 30 -1.72 -0.26 -26.16
CA GLN B 30 -1.07 -1.16 -25.22
C GLN B 30 0.10 -0.43 -24.55
N ALA B 31 1.02 -1.17 -23.94
CA ALA B 31 2.16 -0.55 -23.30
C ALA B 31 3.09 -0.02 -24.37
N VAL B 32 3.43 1.26 -24.26
CA VAL B 32 4.29 1.95 -25.21
C VAL B 32 5.54 2.53 -24.55
N THR B 33 6.44 3.04 -25.38
CA THR B 33 7.68 3.64 -24.90
C THR B 33 7.42 5.09 -24.47
N VAL B 34 7.99 5.48 -23.33
CA VAL B 34 7.85 6.84 -22.85
C VAL B 34 9.26 7.35 -22.51
N SER B 35 9.67 8.43 -23.16
CA SER B 35 11.01 8.97 -22.96
C SER B 35 11.10 10.48 -22.72
N TYR B 36 12.17 10.89 -22.04
CA TYR B 36 12.44 12.30 -21.78
C TYR B 36 13.46 12.70 -22.82
N PHE B 37 13.25 13.84 -23.46
CA PHE B 37 14.21 14.35 -24.44
C PHE B 37 14.52 15.78 -24.08
N TYR B 38 15.68 16.27 -24.49
CA TYR B 38 16.06 17.63 -24.23
C TYR B 38 15.81 18.42 -25.51
N ASP B 39 14.95 19.43 -25.42
CA ASP B 39 14.59 20.27 -26.55
C ASP B 39 15.54 21.47 -26.57
N VAL B 40 16.59 21.39 -27.38
CA VAL B 40 17.57 22.47 -27.49
C VAL B 40 16.93 23.79 -27.89
N THR B 41 16.15 23.74 -28.96
CA THR B 41 15.46 24.93 -29.47
C THR B 41 14.85 25.72 -28.32
N ARG B 42 13.99 25.05 -27.55
CA ARG B 42 13.28 25.67 -26.45
C ARG B 42 13.98 25.66 -25.08
N ASN B 43 15.13 25.00 -24.98
CA ASN B 43 15.82 24.94 -23.69
C ASN B 43 14.87 24.46 -22.60
N SER B 44 14.47 23.19 -22.69
CA SER B 44 13.57 22.57 -21.74
C SER B 44 13.47 21.08 -22.07
N TYR B 45 13.01 20.28 -21.11
CA TYR B 45 12.85 18.86 -21.34
C TYR B 45 11.44 18.50 -21.77
N ARG B 46 11.32 17.49 -22.62
CA ARG B 46 10.02 17.08 -23.10
C ARG B 46 9.83 15.59 -22.97
N ILE B 47 8.69 15.19 -22.42
CA ILE B 47 8.38 13.78 -22.29
C ILE B 47 7.62 13.45 -23.58
N ILE B 48 8.17 12.52 -24.36
CA ILE B 48 7.55 12.13 -25.61
C ILE B 48 7.22 10.65 -25.69
N SER B 49 6.02 10.35 -26.19
CA SER B 49 5.57 8.98 -26.39
C SER B 49 4.71 8.91 -27.66
N VAL B 50 5.03 7.96 -28.54
CA VAL B 50 4.32 7.77 -29.81
C VAL B 50 3.73 6.38 -29.87
N ASP B 51 2.61 6.25 -30.58
CA ASP B 51 1.92 4.98 -30.73
C ASP B 51 1.39 4.97 -32.17
N GLY B 52 2.22 4.45 -33.08
CA GLY B 52 1.84 4.41 -34.48
C GLY B 52 1.95 5.77 -35.15
N ALA B 53 0.83 6.24 -35.70
CA ALA B 53 0.78 7.51 -36.41
C ALA B 53 0.64 8.70 -35.47
N LYS B 54 0.51 8.43 -34.18
CA LYS B 54 0.34 9.53 -33.25
C LYS B 54 1.28 9.66 -32.06
N VAL B 55 1.48 10.90 -31.63
CA VAL B 55 2.31 11.19 -30.46
C VAL B 55 1.25 11.46 -29.41
N ILE B 56 1.21 10.59 -28.41
CA ILE B 56 0.20 10.68 -27.36
C ILE B 56 0.66 11.46 -26.13
N ILE B 57 1.96 11.75 -26.05
CA ILE B 57 2.51 12.57 -24.95
C ILE B 57 3.60 13.40 -25.59
N ASN B 58 3.53 14.71 -25.41
CA ASN B 58 4.52 15.65 -25.95
C ASN B 58 4.42 16.75 -24.91
N SER B 59 4.84 16.41 -23.69
CA SER B 59 4.73 17.28 -22.54
C SER B 59 6.00 17.94 -22.05
N THR B 60 6.02 19.27 -22.08
CA THR B 60 7.17 20.04 -21.62
C THR B 60 7.06 20.15 -20.11
N ILE B 61 8.12 19.75 -19.42
CA ILE B 61 8.06 19.82 -17.96
C ILE B 61 8.65 21.11 -17.41
N THR B 62 7.79 21.90 -16.76
CA THR B 62 8.21 23.15 -16.17
C THR B 62 8.32 22.95 -14.67
N PRO B 63 8.95 23.91 -13.96
CA PRO B 63 9.18 23.94 -12.51
C PRO B 63 7.95 23.84 -11.63
N ASN B 64 6.85 24.45 -12.05
CA ASN B 64 5.62 24.42 -11.25
C ASN B 64 4.80 23.16 -11.44
N MET B 65 5.26 22.26 -12.29
CA MET B 65 4.54 21.01 -12.54
C MET B 65 4.86 19.93 -11.50
N THR B 66 3.87 19.13 -11.13
CA THR B 66 4.12 18.07 -10.16
C THR B 66 3.60 16.71 -10.59
N PHE B 67 4.41 15.69 -10.37
CA PHE B 67 4.05 14.32 -10.67
C PHE B 67 3.56 13.73 -9.36
N THR B 68 2.30 13.33 -9.29
CA THR B 68 1.74 12.75 -8.07
C THR B 68 1.56 11.25 -8.16
N LYS B 69 2.13 10.54 -7.20
CA LYS B 69 2.02 9.09 -7.12
C LYS B 69 0.66 8.81 -6.46
N THR B 70 -0.26 8.18 -7.18
CA THR B 70 -1.57 7.86 -6.62
C THR B 70 -1.72 6.35 -6.39
N SER B 71 -0.61 5.64 -6.53
CA SER B 71 -0.59 4.20 -6.35
C SER B 71 0.85 3.71 -6.44
N GLN B 72 1.08 2.45 -6.07
CA GLN B 72 2.43 1.89 -6.13
C GLN B 72 2.87 1.59 -7.56
N LYS B 73 1.95 1.68 -8.50
CA LYS B 73 2.25 1.42 -9.91
C LYS B 73 1.57 2.42 -10.85
N PHE B 74 1.00 3.49 -10.30
CA PHE B 74 0.33 4.48 -11.13
C PHE B 74 0.67 5.91 -10.68
N GLY B 75 0.85 6.80 -11.66
CA GLY B 75 1.17 8.18 -11.36
C GLY B 75 0.61 9.17 -12.36
N GLN B 76 0.51 10.43 -11.98
CA GLN B 76 -0.04 11.45 -12.87
C GLN B 76 0.59 12.84 -12.72
N TRP B 77 0.33 13.70 -13.72
CA TRP B 77 0.82 15.06 -13.72
C TRP B 77 -0.04 15.87 -14.68
N ALA B 78 -0.36 17.09 -14.26
CA ALA B 78 -1.19 17.96 -15.06
C ALA B 78 -0.33 18.77 -16.01
N ASP B 79 -0.82 18.94 -17.23
CA ASP B 79 -0.09 19.71 -18.20
C ASP B 79 -1.02 20.85 -18.60
N SER B 80 -0.90 21.97 -17.89
CA SER B 80 -1.73 23.14 -18.13
C SER B 80 -1.66 23.57 -19.58
N ARG B 81 -0.44 23.60 -20.11
CA ARG B 81 -0.24 24.02 -21.48
C ARG B 81 -1.07 23.23 -22.48
N ALA B 82 -1.48 22.02 -22.10
CA ALA B 82 -2.31 21.19 -22.97
C ALA B 82 -3.69 21.00 -22.35
N ASN B 83 -3.91 21.62 -21.20
CA ASN B 83 -5.19 21.53 -20.52
C ASN B 83 -5.64 20.07 -20.36
N THR B 84 -4.67 19.18 -20.19
CA THR B 84 -4.98 17.77 -20.01
C THR B 84 -4.12 17.15 -18.92
N VAL B 85 -4.63 16.08 -18.31
CA VAL B 85 -3.89 15.37 -17.28
C VAL B 85 -3.40 14.03 -17.84
N PHE B 86 -2.14 13.73 -17.58
CA PHE B 86 -1.52 12.50 -18.05
C PHE B 86 -1.38 11.48 -16.92
N GLY B 87 -1.63 10.21 -17.24
CA GLY B 87 -1.52 9.15 -16.26
C GLY B 87 -0.74 7.99 -16.85
N LEU B 88 0.17 7.41 -16.08
CA LEU B 88 0.97 6.29 -16.56
C LEU B 88 0.78 5.07 -15.66
N GLY B 89 0.59 3.91 -16.27
CA GLY B 89 0.44 2.68 -15.51
C GLY B 89 1.65 1.79 -15.75
N PHE B 90 2.42 1.48 -14.71
CA PHE B 90 3.58 0.63 -14.89
C PHE B 90 3.34 -0.81 -14.46
N SER B 91 4.15 -1.71 -14.97
CA SER B 91 4.01 -3.11 -14.62
C SER B 91 4.78 -3.40 -13.33
N SER B 92 5.67 -2.48 -12.93
CA SER B 92 6.47 -2.65 -11.71
C SER B 92 6.57 -1.38 -10.87
N GLU B 93 6.83 -1.55 -9.57
CA GLU B 93 6.95 -0.42 -8.66
C GLU B 93 8.23 0.34 -8.96
N LEU B 94 9.24 -0.41 -9.35
CA LEU B 94 10.54 0.16 -9.69
C LEU B 94 10.41 1.22 -10.78
N GLN B 95 9.93 0.80 -11.95
CA GLN B 95 9.75 1.72 -13.09
C GLN B 95 9.03 3.00 -12.67
N LEU B 96 7.97 2.85 -11.87
CA LEU B 96 7.22 4.01 -11.40
C LEU B 96 8.14 4.90 -10.57
N THR B 97 8.95 4.28 -9.71
CA THR B 97 9.85 5.02 -8.83
C THR B 97 10.86 5.83 -9.64
N LYS B 98 11.57 5.16 -10.55
CA LYS B 98 12.57 5.82 -11.37
C LYS B 98 11.99 6.95 -12.22
N PHE B 99 10.73 6.81 -12.63
CA PHE B 99 10.11 7.84 -13.46
C PHE B 99 9.83 9.07 -12.62
N ALA B 100 9.31 8.86 -11.41
CA ALA B 100 9.03 9.99 -10.54
C ALA B 100 10.32 10.72 -10.17
N GLU B 101 11.43 9.99 -10.11
CA GLU B 101 12.71 10.61 -9.77
C GLU B 101 13.17 11.53 -10.90
N LYS B 102 13.17 11.02 -12.13
CA LYS B 102 13.58 11.81 -13.28
C LYS B 102 12.74 13.07 -13.40
N PHE B 103 11.43 12.92 -13.24
CA PHE B 103 10.52 14.05 -13.34
C PHE B 103 11.02 15.10 -12.34
N GLN B 104 11.35 14.64 -11.14
CA GLN B 104 11.84 15.53 -10.08
C GLN B 104 13.12 16.25 -10.51
N GLU B 105 14.09 15.50 -11.01
CA GLU B 105 15.35 16.09 -11.44
C GLU B 105 15.12 17.05 -12.59
N VAL B 106 14.55 16.54 -13.68
CA VAL B 106 14.28 17.36 -14.85
C VAL B 106 13.57 18.65 -14.49
N ARG B 107 12.67 18.58 -13.51
CA ARG B 107 11.94 19.77 -13.09
C ARG B 107 12.93 20.71 -12.37
N GLU B 108 13.83 20.11 -11.61
CA GLU B 108 14.83 20.86 -10.87
C GLU B 108 15.75 21.58 -11.85
N ALA B 109 16.22 20.86 -12.86
CA ALA B 109 17.11 21.43 -13.86
C ALA B 109 16.26 22.17 -14.87
N ALA B 110 15.46 23.12 -14.41
CA ALA B 110 14.61 23.87 -15.33
C ALA B 110 14.30 25.26 -14.82
N ARG B 111 14.58 25.51 -13.54
CA ARG B 111 14.33 26.82 -12.96
C ARG B 111 15.62 27.48 -12.52
N GLU C 3 -9.02 27.29 19.56
CA GLU C 3 -9.12 26.26 20.62
C GLU C 3 -8.47 24.96 20.14
N GLN C 4 -8.17 24.07 21.09
CA GLN C 4 -7.53 22.79 20.76
C GLN C 4 -8.38 21.58 21.17
N PRO C 5 -7.95 20.37 20.77
CA PRO C 5 -8.70 19.16 21.13
C PRO C 5 -8.58 18.89 22.63
N ILE C 6 -9.43 18.00 23.13
CA ILE C 6 -9.42 17.64 24.53
C ILE C 6 -8.02 17.15 24.90
N PHE C 7 -7.43 16.40 23.98
CA PHE C 7 -6.10 15.84 24.16
C PHE C 7 -5.55 15.44 22.80
N THR C 8 -4.24 15.52 22.64
CA THR C 8 -3.64 15.17 21.37
C THR C 8 -2.27 14.51 21.53
N THR C 9 -2.00 13.51 20.70
CA THR C 9 -0.73 12.82 20.76
C THR C 9 -0.38 12.29 19.38
N ARG C 10 0.77 11.64 19.27
CA ARG C 10 1.20 11.07 18.01
C ARG C 10 1.67 9.64 18.24
N ALA C 11 1.16 8.72 17.40
CA ALA C 11 1.50 7.31 17.52
C ALA C 11 1.25 6.55 16.21
N HIS C 12 1.74 5.32 16.15
CA HIS C 12 1.53 4.47 14.99
C HIS C 12 0.28 3.70 15.38
N VAL C 13 -0.64 3.54 14.43
CA VAL C 13 -1.89 2.85 14.72
C VAL C 13 -1.87 1.44 14.15
N PHE C 14 -2.50 0.51 14.86
CA PHE C 14 -2.58 -0.87 14.43
C PHE C 14 -3.99 -1.33 14.69
N GLN C 15 -4.29 -2.56 14.31
CA GLN C 15 -5.62 -3.10 14.55
C GLN C 15 -5.71 -4.56 14.18
N ILE C 16 -6.69 -5.23 14.77
CA ILE C 16 -6.90 -6.64 14.50
C ILE C 16 -8.28 -6.83 13.85
N ASN C 23 -2.72 -11.46 13.60
CA ASN C 23 -3.07 -10.40 14.55
C ASN C 23 -2.15 -9.18 14.45
N TRP C 24 -2.73 -8.02 14.69
CA TRP C 24 -2.02 -6.75 14.65
C TRP C 24 -1.38 -6.42 13.31
N VAL C 25 -2.06 -5.55 12.56
CA VAL C 25 -1.58 -5.11 11.27
C VAL C 25 -1.59 -3.59 11.29
N PRO C 26 -0.53 -2.96 10.74
CA PRO C 26 -0.46 -1.49 10.72
C PRO C 26 -1.61 -0.81 9.97
N ALA C 27 -2.03 0.34 10.47
CA ALA C 27 -3.12 1.10 9.85
C ALA C 27 -2.67 2.51 9.45
N SER C 28 -1.47 2.90 9.86
CA SER C 28 -0.97 4.22 9.48
C SER C 28 0.36 4.10 8.74
N LYS C 29 0.57 4.96 7.75
CA LYS C 29 1.80 4.96 6.95
C LYS C 29 3.01 5.22 7.85
N GLN C 30 2.80 6.05 8.86
CA GLN C 30 3.84 6.40 9.81
C GLN C 30 3.16 6.82 11.11
N ALA C 31 3.86 7.58 11.94
CA ALA C 31 3.24 8.03 13.18
C ALA C 31 2.25 9.12 12.78
N VAL C 32 1.02 9.03 13.28
CA VAL C 32 0.00 10.04 12.98
C VAL C 32 -0.63 10.59 14.25
N THR C 33 -1.33 11.71 14.09
CA THR C 33 -2.02 12.39 15.17
C THR C 33 -3.28 11.64 15.58
N VAL C 34 -3.50 11.54 16.89
CA VAL C 34 -4.67 10.88 17.44
C VAL C 34 -5.24 11.85 18.48
N SER C 35 -6.50 12.23 18.32
CA SER C 35 -7.09 13.19 19.24
C SER C 35 -8.46 12.83 19.80
N TYR C 36 -8.83 13.52 20.88
CA TYR C 36 -10.12 13.36 21.53
C TYR C 36 -10.94 14.58 21.17
N PHE C 37 -12.16 14.36 20.71
CA PHE C 37 -13.06 15.45 20.36
C PHE C 37 -14.41 15.20 21.00
N TYR C 38 -15.14 16.26 21.27
CA TYR C 38 -16.47 16.14 21.86
C TYR C 38 -17.41 16.15 20.66
N ASP C 39 -18.06 15.01 20.38
CA ASP C 39 -18.96 14.90 19.25
C ASP C 39 -20.32 15.50 19.57
N VAL C 40 -20.37 16.84 19.50
CA VAL C 40 -21.56 17.62 19.79
C VAL C 40 -22.89 17.08 19.30
N THR C 41 -22.92 16.57 18.08
CA THR C 41 -24.15 16.03 17.53
C THR C 41 -24.65 14.81 18.29
N ARG C 42 -23.76 13.83 18.50
CA ARG C 42 -24.14 12.61 19.22
C ARG C 42 -24.00 12.76 20.73
N ASN C 43 -23.51 13.91 21.16
CA ASN C 43 -23.34 14.18 22.59
C ASN C 43 -22.48 13.13 23.30
N SER C 44 -21.20 13.08 22.92
CA SER C 44 -20.24 12.13 23.50
C SER C 44 -18.83 12.46 23.05
N TYR C 45 -17.86 11.68 23.53
CA TYR C 45 -16.47 11.90 23.17
C TYR C 45 -15.96 10.87 22.15
N ARG C 46 -15.21 11.34 21.17
CA ARG C 46 -14.73 10.44 20.13
C ARG C 46 -13.24 10.57 19.82
N ILE C 47 -12.56 9.43 19.67
CA ILE C 47 -11.14 9.44 19.34
C ILE C 47 -11.06 9.41 17.81
N ILE C 48 -10.43 10.43 17.24
CA ILE C 48 -10.31 10.53 15.81
C ILE C 48 -8.88 10.66 15.35
N SER C 49 -8.55 9.89 14.32
CA SER C 49 -7.21 9.89 13.73
C SER C 49 -7.32 9.69 12.22
N VAL C 50 -6.64 10.54 11.47
CA VAL C 50 -6.66 10.44 10.02
C VAL C 50 -5.22 10.33 9.51
N ASP C 51 -5.08 9.78 8.30
CA ASP C 51 -3.79 9.59 7.67
C ASP C 51 -4.00 9.73 6.17
N GLY C 52 -3.60 10.87 5.63
CA GLY C 52 -3.76 11.10 4.22
C GLY C 52 -5.23 11.32 3.89
N ALA C 53 -5.75 10.49 2.99
CA ALA C 53 -7.14 10.58 2.54
C ALA C 53 -8.03 9.64 3.33
N LYS C 54 -7.51 9.06 4.39
CA LYS C 54 -8.33 8.12 5.15
C LYS C 54 -8.47 8.49 6.61
N VAL C 55 -9.54 7.99 7.22
CA VAL C 55 -9.75 8.18 8.64
C VAL C 55 -9.60 6.76 9.17
N ILE C 56 -8.53 6.57 9.93
CA ILE C 56 -8.20 5.26 10.47
C ILE C 56 -8.77 4.97 11.85
N ILE C 57 -9.06 6.00 12.64
CA ILE C 57 -9.72 5.81 13.95
C ILE C 57 -10.84 6.82 14.08
N ASN C 58 -12.03 6.35 14.42
CA ASN C 58 -13.19 7.21 14.59
C ASN C 58 -14.03 6.42 15.57
N SER C 59 -13.55 6.38 16.81
CA SER C 59 -14.14 5.57 17.88
C SER C 59 -14.85 6.30 19.01
N THR C 60 -16.05 5.82 19.36
CA THR C 60 -16.79 6.45 20.45
C THR C 60 -16.40 5.78 21.76
N ILE C 61 -16.05 6.59 22.74
CA ILE C 61 -15.64 6.09 24.05
C ILE C 61 -16.80 5.97 25.04
N THR C 62 -17.26 4.73 25.25
CA THR C 62 -18.35 4.45 26.18
C THR C 62 -17.75 3.94 27.51
N PRO C 63 -18.45 4.18 28.63
CA PRO C 63 -18.04 3.77 29.98
C PRO C 63 -17.60 2.31 30.16
N ASN C 64 -18.25 1.40 29.45
CA ASN C 64 -17.94 -0.02 29.55
C ASN C 64 -16.73 -0.44 28.70
N MET C 65 -16.08 0.52 28.07
CA MET C 65 -14.92 0.24 27.24
C MET C 65 -13.67 0.34 28.10
N THR C 66 -12.67 -0.48 27.82
CA THR C 66 -11.44 -0.41 28.60
C THR C 66 -10.20 -0.35 27.74
N PHE C 67 -9.23 0.44 28.20
CA PHE C 67 -7.97 0.60 27.51
C PHE C 67 -6.92 -0.18 28.30
N THR C 68 -6.21 -1.06 27.61
CA THR C 68 -5.18 -1.88 28.24
C THR C 68 -3.79 -1.69 27.65
N LYS C 69 -2.80 -1.50 28.53
CA LYS C 69 -1.42 -1.33 28.10
C LYS C 69 -0.81 -2.73 28.02
N THR C 70 -0.50 -3.20 26.81
CA THR C 70 0.09 -4.52 26.65
C THR C 70 1.61 -4.44 26.58
N SER C 71 2.15 -3.23 26.69
CA SER C 71 3.60 -3.00 26.67
C SER C 71 3.88 -1.66 27.28
N GLN C 72 5.16 -1.31 27.45
CA GLN C 72 5.50 -0.04 28.05
C GLN C 72 5.05 1.08 27.13
N LYS C 73 5.08 0.82 25.82
CA LYS C 73 4.69 1.82 24.82
C LYS C 73 3.59 1.36 23.86
N PHE C 74 2.77 0.41 24.28
CA PHE C 74 1.70 -0.09 23.43
C PHE C 74 0.41 -0.34 24.22
N GLY C 75 -0.68 0.23 23.73
CA GLY C 75 -1.97 0.07 24.38
C GLY C 75 -3.08 -0.25 23.38
N GLN C 76 -4.19 -0.77 23.87
CA GLN C 76 -5.29 -1.14 22.99
C GLN C 76 -6.65 -1.14 23.65
N TRP C 77 -7.68 -1.13 22.81
CA TRP C 77 -9.05 -1.13 23.29
C TRP C 77 -9.93 -1.67 22.18
N ALA C 78 -11.01 -2.31 22.56
CA ALA C 78 -11.91 -2.89 21.57
C ALA C 78 -13.13 -2.01 21.35
N ASP C 79 -13.47 -1.83 20.08
CA ASP C 79 -14.63 -1.02 19.70
C ASP C 79 -15.63 -1.92 18.99
N SER C 80 -16.78 -2.14 19.64
CA SER C 80 -17.84 -2.99 19.10
C SER C 80 -18.56 -2.33 17.92
N ARG C 81 -18.89 -1.06 18.08
CA ARG C 81 -19.58 -0.30 17.04
C ARG C 81 -18.80 -0.33 15.74
N ALA C 82 -17.50 -0.54 15.83
CA ALA C 82 -16.65 -0.57 14.65
C ALA C 82 -16.21 -2.01 14.33
N ASN C 83 -16.52 -2.92 15.25
CA ASN C 83 -16.16 -4.32 15.07
C ASN C 83 -14.67 -4.45 14.77
N THR C 84 -13.84 -3.90 15.66
CA THR C 84 -12.39 -3.98 15.49
C THR C 84 -11.65 -3.59 16.77
N VAL C 85 -10.41 -4.03 16.86
CA VAL C 85 -9.57 -3.72 18.02
C VAL C 85 -8.51 -2.71 17.56
N PHE C 86 -8.35 -1.64 18.32
CA PHE C 86 -7.37 -0.62 18.00
C PHE C 86 -6.14 -0.70 18.88
N GLY C 87 -4.96 -0.68 18.24
CA GLY C 87 -3.72 -0.74 18.98
C GLY C 87 -2.91 0.51 18.70
N LEU C 88 -2.26 1.06 19.74
CA LEU C 88 -1.45 2.25 19.56
C LEU C 88 -0.02 2.07 20.07
N GLY C 89 0.94 2.37 19.20
CA GLY C 89 2.33 2.26 19.56
C GLY C 89 2.93 3.64 19.70
N PHE C 90 3.12 4.09 20.94
CA PHE C 90 3.68 5.41 21.17
C PHE C 90 5.19 5.46 21.05
N SER C 91 5.75 6.67 21.07
CA SER C 91 7.19 6.85 20.97
C SER C 91 7.77 7.13 22.36
N SER C 92 6.90 7.08 23.38
CA SER C 92 7.31 7.29 24.76
C SER C 92 6.21 6.80 25.68
N GLU C 93 6.59 6.17 26.78
CA GLU C 93 5.62 5.66 27.76
C GLU C 93 4.81 6.81 28.33
N LEU C 94 5.43 7.97 28.43
CA LEU C 94 4.74 9.14 28.97
C LEU C 94 3.47 9.40 28.16
N GLN C 95 3.62 9.40 26.84
CA GLN C 95 2.49 9.63 25.94
C GLN C 95 1.38 8.62 26.22
N LEU C 96 1.75 7.35 26.36
CA LEU C 96 0.77 6.29 26.61
C LEU C 96 -0.01 6.49 27.91
N THR C 97 0.70 6.82 28.98
CA THR C 97 0.08 7.04 30.29
C THR C 97 -0.92 8.20 30.20
N LYS C 98 -0.51 9.28 29.55
CA LYS C 98 -1.37 10.46 29.37
C LYS C 98 -2.62 10.06 28.58
N PHE C 99 -2.44 9.28 27.52
CA PHE C 99 -3.54 8.83 26.69
C PHE C 99 -4.49 7.97 27.51
N ALA C 100 -3.92 7.12 28.35
CA ALA C 100 -4.69 6.20 29.18
C ALA C 100 -5.37 6.95 30.31
N GLU C 101 -4.77 8.04 30.75
CA GLU C 101 -5.36 8.86 31.82
C GLU C 101 -6.60 9.55 31.27
N LYS C 102 -6.49 10.07 30.04
CA LYS C 102 -7.60 10.76 29.38
C LYS C 102 -8.73 9.80 29.04
N PHE C 103 -8.36 8.59 28.65
CA PHE C 103 -9.33 7.56 28.30
C PHE C 103 -10.17 7.28 29.52
N GLN C 104 -9.49 7.10 30.66
CA GLN C 104 -10.16 6.83 31.94
C GLN C 104 -11.07 7.98 32.32
N GLU C 105 -10.53 9.19 32.29
CA GLU C 105 -11.27 10.39 32.65
C GLU C 105 -12.48 10.61 31.74
N VAL C 106 -12.29 10.44 30.44
CA VAL C 106 -13.36 10.61 29.47
C VAL C 106 -14.44 9.54 29.63
N ARG C 107 -14.02 8.37 30.10
CA ARG C 107 -14.92 7.24 30.30
C ARG C 107 -15.76 7.43 31.56
N GLU C 108 -15.10 7.77 32.66
CA GLU C 108 -15.76 7.98 33.93
C GLU C 108 -16.59 9.26 33.92
N ALA C 109 -16.98 9.71 32.73
CA ALA C 109 -17.77 10.93 32.59
C ALA C 109 -18.88 10.73 31.57
N ALA C 110 -19.48 9.54 31.57
CA ALA C 110 -20.55 9.21 30.65
C ALA C 110 -21.40 8.09 31.25
N ARG C 111 -21.11 7.75 32.50
CA ARG C 111 -21.83 6.70 33.20
C ARG C 111 -23.19 7.19 33.66
N GLU D 3 18.50 -28.89 7.49
CA GLU D 3 19.03 -27.99 8.55
C GLU D 3 18.17 -26.74 8.71
N GLN D 4 18.45 -25.98 9.77
CA GLN D 4 17.70 -24.77 10.07
C GLN D 4 18.58 -23.53 9.95
N PRO D 5 17.96 -22.34 9.83
CA PRO D 5 18.71 -21.08 9.72
C PRO D 5 19.50 -20.83 10.99
N ILE D 6 20.49 -19.93 10.92
CA ILE D 6 21.29 -19.60 12.07
C ILE D 6 20.37 -19.17 13.22
N PHE D 7 19.26 -18.54 12.85
CA PHE D 7 18.28 -18.06 13.82
C PHE D 7 17.03 -17.55 13.11
N THR D 8 15.87 -17.80 13.72
CA THR D 8 14.61 -17.36 13.14
C THR D 8 13.65 -16.84 14.20
N THR D 9 12.79 -15.91 13.81
CA THR D 9 11.82 -15.33 14.72
C THR D 9 10.75 -14.56 13.94
N ARG D 10 9.69 -14.14 14.62
CA ARG D 10 8.61 -13.39 14.00
C ARG D 10 8.53 -12.01 14.65
N ALA D 11 8.42 -10.96 13.84
CA ALA D 11 8.35 -9.61 14.37
C ALA D 11 7.93 -8.59 13.31
N HIS D 12 7.36 -7.48 13.75
CA HIS D 12 6.95 -6.43 12.82
C HIS D 12 8.22 -5.66 12.45
N VAL D 13 8.38 -5.40 11.16
CA VAL D 13 9.55 -4.68 10.65
C VAL D 13 9.23 -3.22 10.28
N PHE D 14 10.14 -2.31 10.63
CA PHE D 14 9.97 -0.89 10.29
C PHE D 14 11.33 -0.39 9.83
N GLN D 15 11.40 0.88 9.44
CA GLN D 15 12.66 1.45 8.99
C GLN D 15 12.53 2.97 8.82
N ILE D 16 13.66 3.61 8.53
CA ILE D 16 13.68 5.06 8.33
C ILE D 16 14.13 5.36 6.90
N ASN D 23 10.64 9.57 9.64
CA ASN D 23 10.86 8.72 10.81
C ASN D 23 10.50 7.27 10.53
N TRP D 24 10.13 6.55 11.58
CA TRP D 24 9.72 5.15 11.45
C TRP D 24 8.57 4.97 10.48
N VAL D 25 8.67 3.94 9.65
CA VAL D 25 7.62 3.61 8.69
C VAL D 25 7.52 2.10 8.61
N PRO D 26 6.31 1.55 8.78
CA PRO D 26 6.10 0.09 8.72
C PRO D 26 6.70 -0.46 7.45
N ALA D 27 7.38 -1.60 7.54
CA ALA D 27 7.99 -2.21 6.36
C ALA D 27 7.31 -3.54 6.03
N SER D 28 6.59 -4.10 7.01
CA SER D 28 5.91 -5.36 6.84
C SER D 28 4.41 -5.20 7.06
N LYS D 29 3.62 -5.82 6.19
CA LYS D 29 2.15 -5.77 6.27
C LYS D 29 1.64 -6.48 7.52
N GLN D 30 2.55 -7.12 8.26
CA GLN D 30 2.17 -7.87 9.46
C GLN D 30 3.43 -8.44 10.09
N ALA D 31 3.26 -9.26 11.12
CA ALA D 31 4.37 -9.91 11.78
C ALA D 31 4.87 -10.98 10.82
N VAL D 32 6.13 -10.89 10.42
CA VAL D 32 6.69 -11.87 9.51
C VAL D 32 7.96 -12.47 10.07
N THR D 33 8.39 -13.53 9.42
CA THR D 33 9.60 -14.25 9.79
C THR D 33 10.85 -13.43 9.45
N VAL D 34 11.78 -13.39 10.40
CA VAL D 34 13.07 -12.70 10.23
C VAL D 34 14.13 -13.79 10.52
N SER D 35 15.14 -13.90 9.65
CA SER D 35 16.15 -14.95 9.81
C SER D 35 17.59 -14.60 9.49
N TYR D 36 18.49 -15.40 10.05
CA TYR D 36 19.93 -15.24 9.84
C TYR D 36 20.40 -16.36 8.94
N PHE D 37 21.29 -16.04 8.02
CA PHE D 37 21.82 -17.05 7.12
C PHE D 37 23.30 -16.79 6.90
N TYR D 38 24.01 -17.82 6.47
CA TYR D 38 25.41 -17.68 6.16
C TYR D 38 25.41 -17.44 4.64
N ASP D 39 25.87 -16.27 4.21
CA ASP D 39 25.91 -15.92 2.77
C ASP D 39 27.14 -16.55 2.13
N VAL D 40 27.02 -17.82 1.75
CA VAL D 40 28.10 -18.58 1.13
C VAL D 40 29.02 -17.82 0.18
N THR D 41 28.44 -17.19 -0.84
CA THR D 41 29.22 -16.46 -1.82
C THR D 41 30.06 -15.33 -1.23
N ARG D 42 29.40 -14.38 -0.59
CA ARG D 42 30.09 -13.24 0.00
C ARG D 42 30.88 -13.61 1.25
N ASN D 43 30.68 -14.83 1.75
CA ASN D 43 31.39 -15.28 2.96
C ASN D 43 31.13 -14.32 4.12
N SER D 44 29.85 -14.17 4.48
CA SER D 44 29.41 -13.31 5.57
C SER D 44 28.04 -13.73 6.06
N TYR D 45 27.54 -13.08 7.12
CA TYR D 45 26.23 -13.41 7.67
C TYR D 45 25.21 -12.36 7.29
N ARG D 46 23.99 -12.79 6.98
CA ARG D 46 22.99 -11.83 6.57
C ARG D 46 21.61 -12.02 7.20
N ILE D 47 20.97 -10.90 7.52
CA ILE D 47 19.63 -10.94 8.07
C ILE D 47 18.65 -10.80 6.89
N ILE D 48 17.76 -11.77 6.76
CA ILE D 48 16.83 -11.77 5.67
C ILE D 48 15.37 -11.97 6.09
N SER D 49 14.51 -11.11 5.56
CA SER D 49 13.08 -11.18 5.82
C SER D 49 12.37 -10.81 4.54
N VAL D 50 11.39 -11.62 4.17
CA VAL D 50 10.61 -11.37 2.98
C VAL D 50 9.16 -11.26 3.45
N ASP D 51 8.33 -10.67 2.59
CA ASP D 51 6.91 -10.48 2.85
C ASP D 51 6.28 -10.30 1.48
N GLY D 52 5.58 -11.33 1.00
CA GLY D 52 4.99 -11.23 -0.32
C GLY D 52 6.07 -11.33 -1.38
N ALA D 53 5.99 -10.46 -2.39
CA ALA D 53 6.95 -10.45 -3.48
C ALA D 53 8.19 -9.61 -3.18
N LYS D 54 8.31 -9.12 -1.96
CA LYS D 54 9.47 -8.30 -1.66
C LYS D 54 10.33 -8.78 -0.53
N VAL D 55 11.61 -8.46 -0.60
CA VAL D 55 12.54 -8.82 0.44
C VAL D 55 12.72 -7.51 1.19
N ILE D 56 12.22 -7.44 2.41
CA ILE D 56 12.30 -6.20 3.17
C ILE D 56 13.59 -6.05 3.98
N ILE D 57 14.26 -7.14 4.31
CA ILE D 57 15.54 -7.07 5.02
C ILE D 57 16.56 -8.01 4.35
N ASN D 58 17.70 -7.46 3.95
CA ASN D 58 18.77 -8.22 3.31
C ASN D 58 20.05 -7.50 3.73
N SER D 59 20.28 -7.50 5.03
CA SER D 59 21.40 -6.78 5.62
C SER D 59 22.63 -7.57 6.03
N THR D 60 23.78 -7.12 5.57
CA THR D 60 25.03 -7.79 5.93
C THR D 60 25.46 -7.28 7.30
N ILE D 61 25.58 -8.20 8.25
CA ILE D 61 26.00 -7.86 9.61
C ILE D 61 27.52 -7.88 9.77
N THR D 62 28.11 -6.69 9.90
CA THR D 62 29.55 -6.57 10.08
C THR D 62 29.85 -6.20 11.54
N PRO D 63 31.12 -6.34 11.97
CA PRO D 63 31.56 -6.02 13.33
C PRO D 63 31.25 -4.61 13.82
N ASN D 64 31.47 -3.62 12.95
CA ASN D 64 31.24 -2.22 13.28
C ASN D 64 29.77 -1.87 13.48
N MET D 65 28.88 -2.82 13.21
CA MET D 65 27.45 -2.58 13.38
C MET D 65 27.03 -2.97 14.79
N THR D 66 26.00 -2.31 15.29
CA THR D 66 25.49 -2.58 16.64
C THR D 66 23.96 -2.60 16.67
N PHE D 67 23.41 -3.36 17.61
CA PHE D 67 21.96 -3.45 17.76
C PHE D 67 21.51 -2.80 19.08
N THR D 68 21.03 -1.57 18.97
CA THR D 68 20.57 -0.80 20.13
C THR D 68 19.15 -1.16 20.50
N LYS D 69 18.91 -1.39 21.79
CA LYS D 69 17.58 -1.75 22.29
C LYS D 69 16.87 -0.48 22.74
N THR D 70 15.96 0.03 21.92
CA THR D 70 15.23 1.26 22.24
C THR D 70 14.15 1.14 23.30
N SER D 71 13.21 0.22 23.12
CA SER D 71 12.15 0.04 24.09
C SER D 71 12.34 -1.34 24.69
N GLN D 72 11.28 -1.88 25.30
CA GLN D 72 11.37 -3.19 25.91
C GLN D 72 11.15 -4.30 24.91
N LYS D 73 10.40 -4.02 23.86
CA LYS D 73 10.12 -5.01 22.83
C LYS D 73 10.45 -4.51 21.43
N PHE D 74 11.31 -3.50 21.37
CA PHE D 74 11.69 -2.92 20.09
C PHE D 74 13.18 -2.57 20.03
N GLY D 75 13.84 -3.05 18.98
CA GLY D 75 15.26 -2.79 18.79
C GLY D 75 15.55 -2.32 17.38
N GLN D 76 16.75 -1.81 17.14
CA GLN D 76 17.10 -1.32 15.82
C GLN D 76 18.58 -1.47 15.52
N TRP D 77 18.96 -1.20 14.27
CA TRP D 77 20.35 -1.27 13.85
C TRP D 77 20.48 -0.55 12.51
N ALA D 78 21.65 0.03 12.26
CA ALA D 78 21.87 0.77 11.02
C ALA D 78 22.65 -0.05 10.00
N ASP D 79 22.36 0.18 8.72
CA ASP D 79 23.04 -0.50 7.63
C ASP D 79 23.52 0.56 6.63
N SER D 80 24.80 0.90 6.70
CA SER D 80 25.38 1.91 5.82
C SER D 80 25.44 1.45 4.38
N ARG D 81 25.68 0.17 4.17
CA ARG D 81 25.76 -0.38 2.82
C ARG D 81 24.42 -0.22 2.12
N ALA D 82 23.34 -0.16 2.89
CA ALA D 82 22.01 0.01 2.32
C ALA D 82 21.51 1.42 2.57
N ASN D 83 22.23 2.16 3.40
CA ASN D 83 21.88 3.54 3.73
C ASN D 83 20.45 3.57 4.24
N THR D 84 20.22 2.85 5.34
CA THR D 84 18.89 2.78 5.97
C THR D 84 18.96 2.13 7.35
N VAL D 85 18.04 2.51 8.25
CA VAL D 85 18.00 1.97 9.61
C VAL D 85 16.85 0.98 9.77
N PHE D 86 17.13 -0.16 10.39
CA PHE D 86 16.14 -1.22 10.59
C PHE D 86 15.65 -1.35 12.02
N GLY D 87 14.34 -1.38 12.19
CA GLY D 87 13.75 -1.52 13.50
C GLY D 87 12.84 -2.74 13.55
N LEU D 88 12.71 -3.37 14.71
CA LEU D 88 11.88 -4.54 14.84
C LEU D 88 11.04 -4.54 16.12
N GLY D 89 9.78 -4.96 15.99
CA GLY D 89 8.88 -5.00 17.13
C GLY D 89 8.52 -6.43 17.44
N PHE D 90 8.94 -6.91 18.61
CA PHE D 90 8.67 -8.28 19.01
C PHE D 90 7.44 -8.38 19.89
N SER D 91 6.87 -9.58 19.96
CA SER D 91 5.68 -9.82 20.77
C SER D 91 6.05 -10.03 22.24
N SER D 92 7.35 -10.17 22.50
CA SER D 92 7.83 -10.38 23.86
C SER D 92 9.28 -9.92 24.04
N GLU D 93 9.62 -9.56 25.27
CA GLU D 93 10.97 -9.10 25.62
C GLU D 93 11.95 -10.24 25.38
N LEU D 94 11.47 -11.46 25.53
CA LEU D 94 12.30 -12.65 25.33
C LEU D 94 12.88 -12.70 23.93
N GLN D 95 11.99 -12.68 22.94
CA GLN D 95 12.40 -12.71 21.53
C GLN D 95 13.41 -11.60 21.24
N LEU D 96 13.15 -10.41 21.77
CA LEU D 96 14.05 -9.29 21.55
C LEU D 96 15.47 -9.61 22.04
N THR D 97 15.58 -10.02 23.31
CA THR D 97 16.88 -10.34 23.89
C THR D 97 17.62 -11.37 23.03
N LYS D 98 16.93 -12.45 22.67
CA LYS D 98 17.53 -13.51 21.86
C LYS D 98 18.07 -13.00 20.52
N PHE D 99 17.28 -12.19 19.81
CA PHE D 99 17.71 -11.66 18.53
C PHE D 99 18.87 -10.72 18.73
N ALA D 100 18.88 -10.05 19.87
CA ALA D 100 19.96 -9.12 20.20
C ALA D 100 21.26 -9.89 20.41
N GLU D 101 21.18 -11.02 21.10
CA GLU D 101 22.35 -11.86 21.35
C GLU D 101 22.91 -12.43 20.05
N LYS D 102 22.03 -12.95 19.21
CA LYS D 102 22.43 -13.52 17.93
C LYS D 102 23.17 -12.49 17.09
N PHE D 103 22.72 -11.25 17.18
CA PHE D 103 23.32 -10.16 16.43
C PHE D 103 24.79 -10.05 16.82
N GLN D 104 25.03 -9.98 18.13
CA GLN D 104 26.38 -9.87 18.65
C GLN D 104 27.19 -11.11 18.29
N GLU D 105 26.61 -12.28 18.53
CA GLU D 105 27.28 -13.53 18.24
C GLU D 105 27.78 -13.52 16.81
N VAL D 106 26.87 -13.26 15.88
CA VAL D 106 27.19 -13.23 14.47
C VAL D 106 28.32 -12.27 14.17
N ARG D 107 28.30 -11.09 14.77
CA ARG D 107 29.35 -10.11 14.55
C ARG D 107 30.73 -10.63 14.96
N GLU D 108 30.83 -11.13 16.20
CA GLU D 108 32.10 -11.67 16.68
C GLU D 108 32.57 -12.82 15.81
N ALA D 109 31.64 -13.70 15.43
CA ALA D 109 31.96 -14.84 14.59
C ALA D 109 32.49 -14.37 13.25
N ALA D 110 32.10 -13.17 12.86
CA ALA D 110 32.52 -12.60 11.59
C ALA D 110 34.00 -12.28 11.63
N ARG D 111 34.44 -11.65 12.71
CA ARG D 111 35.85 -11.31 12.86
C ARG D 111 36.72 -12.54 12.61
N PHE E 1 -4.94 3.19 -9.45
CA PHE E 1 -5.17 2.62 -10.78
C PHE E 1 -3.95 1.79 -11.14
N ALA E 2 -3.41 1.05 -10.17
CA ALA E 2 -2.23 0.24 -10.40
C ALA E 2 -2.48 -0.92 -11.37
N PHE E 3 -1.44 -1.72 -11.61
CA PHE E 3 -1.52 -2.88 -12.49
C PHE E 3 -0.83 -4.09 -11.85
CAC FLC F . -16.76 -18.80 -21.60
CA FLC F . -17.67 -20.01 -21.17
CB FLC F . -18.85 -20.56 -22.17
CBC FLC F . -20.15 -19.62 -22.05
CG FLC F . -19.10 -22.16 -21.91
CGC FLC F . -20.01 -22.96 -22.93
OA1 FLC F . -15.75 -18.91 -22.26
OA2 FLC F . -17.14 -17.70 -21.21
OB1 FLC F . -20.06 -18.43 -22.26
OB2 FLC F . -21.21 -20.17 -21.72
OG1 FLC F . -19.55 -23.94 -23.50
OG2 FLC F . -21.15 -22.55 -23.11
OHB FLC F . -18.45 -20.49 -23.53
N PHE G . -26.23 -4.24 -16.62
CA PHE G . -25.88 -3.36 -17.72
C PHE G . -26.02 -1.90 -17.33
O PHE G . -26.35 -1.59 -16.19
CB PHE G . -26.76 -3.65 -18.95
CG PHE G . -26.54 -5.00 -19.57
CD1 PHE G . -27.10 -5.30 -20.81
CD2 PHE G . -25.76 -5.96 -18.94
CE1 PHE G . -26.89 -6.55 -21.40
CE2 PHE G . -25.54 -7.22 -19.52
CZ PHE G . -26.12 -7.51 -20.77
CAC FLC H . 5.87 23.82 -25.19
CA FLC H . 5.34 24.94 -26.14
CB FLC H . 4.19 24.59 -27.24
CBC FLC H . 4.80 23.68 -28.39
CG FLC H . 3.45 25.97 -27.77
CGC FLC H . 2.75 26.98 -26.73
OA1 FLC H . 5.15 23.10 -24.52
OA2 FLC H . 7.08 23.70 -25.16
OB1 FLC H . 4.77 22.46 -28.27
OB2 FLC H . 5.30 24.27 -29.36
OG1 FLC H . 2.75 28.18 -27.00
OG2 FLC H . 2.24 26.49 -25.73
OHB FLC H . 3.15 23.82 -26.66
N PHE I . 9.36 5.63 -32.98
CA PHE I . 10.81 5.81 -33.05
C PHE I . 11.51 4.46 -33.22
O PHE I . 11.14 3.47 -32.59
CB PHE I . 11.33 6.48 -31.77
CG PHE I . 10.75 7.85 -31.53
CD1 PHE I . 10.65 8.36 -30.24
CD2 PHE I . 10.33 8.65 -32.60
CE1 PHE I . 10.14 9.63 -30.01
CE2 PHE I . 9.82 9.93 -32.38
CZ PHE I . 9.71 10.42 -31.07
N PHE J . 13.54 7.31 17.18
CA PHE J . 12.49 6.49 17.78
C PHE J . 11.56 7.35 18.64
O PHE J . 11.67 7.28 19.89
CB PHE J . 13.11 5.37 18.62
CG PHE J . 12.11 4.38 19.16
CD1 PHE J . 11.17 3.79 18.31
CD2 PHE J . 12.12 4.01 20.50
CE1 PHE J . 10.27 2.85 18.79
CE2 PHE J . 11.23 3.07 20.99
CZ PHE J . 10.30 2.49 20.14
OXT PHE J . 10.75 8.10 18.06
#